data_6BJE
#
_entry.id   6BJE
#
_cell.length_a   54.769
_cell.length_b   54.769
_cell.length_c   279.619
_cell.angle_alpha   90.00
_cell.angle_beta   90.00
_cell.angle_gamma   90.00
#
_symmetry.space_group_name_H-M   'P 43 21 2'
#
loop_
_entity.id
_entity.type
_entity.pdbx_description
1 polymer 'Acyl-protein thioesterase 2'
2 non-polymer 'phenylmethanesulfonic acid'
3 water water
#
_entity_poly.entity_id   1
_entity_poly.type   'polypeptide(L)'
_entity_poly.pdbx_seq_one_letter_code
;LLTDAATVSGAERETAAVIFLHGLGDTGHSWADALSTIRLPHVKYICPHAPRIPVTLNMKMVMPSWFDLMGLSPDAPEDE
AGIKKAAENIKALIEHEMKNGIPANRIVLGGFSQGGALSLYTALTCPHPLAGIVALSCWLPLHRAFPQAANGSAKDLAIL
QCHGELDPMVPVRFGALTAEKLRSVVTPARVQFKTYPGVMHSSCPQEMAAVKEFLEKLLPPV
;
_entity_poly.pdbx_strand_id   A,B
#
# COMPACT_ATOMS: atom_id res chain seq x y z
N LEU A 1 27.56 1.13 8.34
CA LEU A 1 28.73 1.63 7.61
C LEU A 1 28.33 2.84 6.76
N LEU A 2 27.08 2.84 6.27
CA LEU A 2 26.58 3.90 5.40
C LEU A 2 25.10 4.11 5.74
N THR A 3 24.86 4.89 6.78
CA THR A 3 23.52 5.08 7.33
C THR A 3 23.00 6.45 6.90
N ASP A 4 21.82 6.47 6.28
CA ASP A 4 21.11 7.71 6.00
C ASP A 4 19.77 7.67 6.74
N ALA A 5 19.51 8.69 7.56
CA ALA A 5 18.35 8.68 8.43
C ALA A 5 18.02 10.11 8.84
N ALA A 6 16.81 10.27 9.38
CA ALA A 6 16.38 11.51 10.02
C ALA A 6 16.50 11.29 11.52
N THR A 7 17.68 11.58 12.06
CA THR A 7 17.99 11.28 13.46
C THR A 7 17.54 12.43 14.35
N VAL A 8 16.82 12.09 15.42
CA VAL A 8 16.41 13.05 16.44
C VAL A 8 17.39 12.90 17.61
N SER A 9 18.23 13.91 17.81
CA SER A 9 19.20 13.86 18.88
C SER A 9 18.59 14.34 20.19
N GLY A 10 19.18 13.89 21.30
CA GLY A 10 18.67 14.23 22.61
C GLY A 10 19.14 15.59 23.09
N ALA A 11 18.41 16.10 24.09
CA ALA A 11 18.79 17.39 24.68
C ALA A 11 20.09 17.26 25.46
N GLU A 12 20.20 16.23 26.29
CA GLU A 12 21.43 15.93 27.01
C GLU A 12 22.27 14.97 26.18
N ARG A 13 23.42 14.56 26.73
CA ARG A 13 24.29 13.62 26.03
C ARG A 13 23.58 12.27 25.88
N GLU A 14 23.55 11.76 24.65
CA GLU A 14 22.79 10.55 24.35
C GLU A 14 23.38 9.35 25.06
N THR A 15 22.60 8.76 25.98
CA THR A 15 22.98 7.51 26.63
C THR A 15 22.16 6.32 26.16
N ALA A 16 20.96 6.55 25.62
CA ALA A 16 20.12 5.50 25.08
C ALA A 16 19.80 5.81 23.62
N ALA A 17 19.40 4.77 22.89
CA ALA A 17 19.15 4.91 21.47
C ALA A 17 17.91 4.11 21.08
N VAL A 18 17.22 4.59 20.05
CA VAL A 18 16.06 3.92 19.47
C VAL A 18 16.20 3.91 17.96
N ILE A 19 16.10 2.73 17.37
CA ILE A 19 16.17 2.55 15.92
C ILE A 19 14.76 2.21 15.46
N PHE A 20 14.07 3.18 14.87
CA PHE A 20 12.68 3.03 14.45
C PHE A 20 12.61 2.96 12.94
N LEU A 21 11.87 1.97 12.43
CA LEU A 21 11.75 1.73 11.00
C LEU A 21 10.33 2.03 10.54
N HIS A 22 10.21 2.99 9.63
CA HIS A 22 8.91 3.43 9.12
C HIS A 22 8.20 2.31 8.38
N GLY A 23 6.92 2.54 8.10
CA GLY A 23 6.15 1.60 7.33
C GLY A 23 6.47 1.64 5.84
N LEU A 24 5.92 0.68 5.12
CA LEU A 24 6.18 0.56 3.69
C LEU A 24 5.56 1.75 2.95
N GLY A 25 6.40 2.51 2.24
CA GLY A 25 5.90 3.61 1.44
C GLY A 25 6.66 4.91 1.62
N ASP A 26 6.66 5.44 2.84
CA ASP A 26 7.20 6.77 3.09
C ASP A 26 8.68 6.66 3.53
N THR A 27 9.21 7.73 4.11
CA THR A 27 10.59 7.82 4.54
C THR A 27 10.65 7.86 6.08
N GLY A 28 11.76 8.35 6.61
CA GLY A 28 11.94 8.48 8.04
C GLY A 28 11.56 9.82 8.62
N HIS A 29 11.21 10.80 7.78
CA HIS A 29 10.87 12.13 8.29
C HIS A 29 9.58 12.10 9.09
N SER A 30 8.59 11.31 8.64
CA SER A 30 7.32 11.22 9.35
C SER A 30 7.52 10.71 10.76
N TRP A 31 8.17 9.56 10.91
CA TRP A 31 8.34 8.98 12.24
C TRP A 31 9.35 9.77 13.07
N ALA A 32 10.29 10.46 12.43
CA ALA A 32 11.16 11.36 13.17
C ALA A 32 10.36 12.50 13.79
N ASP A 33 9.47 13.12 13.00
CA ASP A 33 8.61 14.17 13.53
C ASP A 33 7.66 13.63 14.59
N ALA A 34 7.23 12.38 14.47
CA ALA A 34 6.33 11.80 15.45
C ALA A 34 7.06 11.50 16.76
N LEU A 35 8.26 10.94 16.68
CA LEU A 35 9.06 10.60 17.85
C LEU A 35 9.74 11.81 18.48
N SER A 36 9.76 12.96 17.80
CA SER A 36 10.23 14.17 18.44
C SER A 36 9.32 14.61 19.59
N THR A 37 8.04 14.24 19.54
CA THR A 37 7.09 14.62 20.58
C THR A 37 7.35 13.81 21.85
N ILE A 38 7.11 12.51 21.80
CA ILE A 38 7.50 11.61 22.88
C ILE A 38 9.02 11.54 22.84
N ARG A 39 9.67 12.30 23.71
CA ARG A 39 11.11 12.50 23.61
C ARG A 39 11.71 12.60 25.00
N LEU A 40 12.63 11.70 25.30
CA LEU A 40 13.42 11.77 26.51
C LEU A 40 14.76 12.40 26.21
N PRO A 41 15.22 13.35 27.03
CA PRO A 41 16.39 14.16 26.64
C PRO A 41 17.68 13.39 26.51
N HIS A 42 17.73 12.12 26.94
CA HIS A 42 18.95 11.32 26.87
C HIS A 42 18.85 10.19 25.84
N VAL A 43 17.80 10.17 25.03
CA VAL A 43 17.59 9.10 24.06
C VAL A 43 17.61 9.70 22.66
N LYS A 44 18.40 9.10 21.77
CA LYS A 44 18.41 9.47 20.37
C LYS A 44 17.45 8.57 19.60
N TYR A 45 16.86 9.11 18.53
CA TYR A 45 15.90 8.39 17.72
C TYR A 45 16.39 8.37 16.27
N ILE A 46 16.80 7.19 15.81
CA ILE A 46 17.28 6.99 14.45
C ILE A 46 16.15 6.41 13.61
N CYS A 47 15.83 7.10 12.51
CA CYS A 47 14.75 6.68 11.61
C CYS A 47 15.31 6.57 10.20
N PRO A 48 15.85 5.41 9.83
CA PRO A 48 16.45 5.27 8.50
C PRO A 48 15.42 5.32 7.38
N HIS A 49 15.92 5.54 6.17
CA HIS A 49 15.09 5.58 4.97
C HIS A 49 15.24 4.27 4.23
N ALA A 50 14.10 3.65 3.90
CA ALA A 50 14.13 2.35 3.24
C ALA A 50 14.53 2.52 1.77
N PRO A 51 15.35 1.62 1.24
CA PRO A 51 15.75 1.73 -0.16
C PRO A 51 14.57 1.46 -1.10
N ARG A 52 14.55 2.17 -2.22
CA ARG A 52 13.47 2.07 -3.20
C ARG A 52 13.67 0.80 -4.01
N ILE A 53 12.87 -0.22 -3.73
CA ILE A 53 13.00 -1.51 -4.42
C ILE A 53 11.65 -1.88 -5.01
N PRO A 54 11.64 -2.82 -5.95
CA PRO A 54 10.34 -3.33 -6.44
C PRO A 54 9.67 -4.20 -5.39
N VAL A 55 8.35 -4.03 -5.27
CA VAL A 55 7.55 -4.77 -4.29
C VAL A 55 6.54 -5.62 -5.05
N THR A 56 6.71 -6.94 -4.97
CA THR A 56 5.83 -7.87 -5.68
C THR A 56 4.37 -7.72 -5.26
N LEU A 57 4.12 -7.21 -4.06
CA LEU A 57 2.75 -7.05 -3.58
C LEU A 57 1.93 -6.10 -4.45
N ASN A 58 2.58 -5.25 -5.23
CA ASN A 58 1.88 -4.24 -6.04
C ASN A 58 2.61 -4.12 -7.39
N MET A 59 2.22 -4.99 -8.33
CA MET A 59 2.69 -4.95 -9.72
C MET A 59 4.21 -4.93 -9.83
N LYS A 60 4.93 -5.30 -8.77
CA LYS A 60 6.38 -5.21 -8.73
C LYS A 60 6.87 -3.80 -9.04
N MET A 61 6.08 -2.81 -8.65
CA MET A 61 6.49 -1.43 -8.86
C MET A 61 7.48 -1.01 -7.78
N VAL A 62 8.19 0.08 -8.06
CA VAL A 62 9.28 0.53 -7.22
C VAL A 62 8.73 1.47 -6.14
N MET A 63 9.06 1.17 -4.88
CA MET A 63 8.71 2.04 -3.76
C MET A 63 9.64 1.71 -2.61
N PRO A 64 9.74 2.58 -1.60
CA PRO A 64 10.59 2.30 -0.44
C PRO A 64 10.05 1.11 0.35
N SER A 65 10.89 0.09 0.53
CA SER A 65 10.52 -1.09 1.28
C SER A 65 11.77 -1.68 1.92
N TRP A 66 11.62 -2.17 3.15
CA TRP A 66 12.75 -2.79 3.83
C TRP A 66 13.12 -4.12 3.20
N PHE A 67 12.17 -4.80 2.58
CA PHE A 67 12.44 -6.05 1.86
C PHE A 67 11.28 -6.28 0.90
N ASP A 68 11.34 -7.40 0.19
CA ASP A 68 10.31 -7.75 -0.78
C ASP A 68 9.09 -8.33 -0.06
N LEU A 69 7.93 -7.74 -0.31
CA LEU A 69 6.69 -8.18 0.29
C LEU A 69 5.79 -8.81 -0.77
N MET A 70 5.13 -9.91 -0.40
CA MET A 70 4.23 -10.62 -1.30
C MET A 70 2.82 -10.79 -0.76
N GLY A 71 2.59 -10.51 0.51
CA GLY A 71 1.26 -10.65 1.08
C GLY A 71 1.28 -10.27 2.55
N LEU A 72 0.08 -10.10 3.11
CA LEU A 72 -0.09 -9.71 4.51
C LEU A 72 -0.89 -10.75 5.27
N SER A 73 -0.76 -12.01 4.90
CA SER A 73 -1.45 -13.13 5.53
C SER A 73 -0.42 -14.12 6.07
N PRO A 74 -0.78 -14.90 7.09
CA PRO A 74 0.18 -15.88 7.63
C PRO A 74 0.57 -16.97 6.63
N ASP A 75 -0.21 -17.20 5.59
CA ASP A 75 0.11 -18.20 4.57
C ASP A 75 0.79 -17.60 3.35
N ALA A 76 1.02 -16.29 3.34
CA ALA A 76 1.64 -15.67 2.18
C ALA A 76 3.13 -15.97 2.12
N PRO A 77 3.69 -16.12 0.92
CA PRO A 77 5.15 -16.31 0.80
C PRO A 77 5.90 -15.08 1.29
N GLU A 78 7.13 -15.29 1.73
CA GLU A 78 7.97 -14.23 2.25
C GLU A 78 9.34 -14.28 1.61
N ASP A 79 9.94 -13.09 1.41
CA ASP A 79 11.29 -12.97 0.87
C ASP A 79 12.28 -13.26 2.00
N GLU A 80 12.55 -14.55 2.19
CA GLU A 80 13.45 -14.97 3.27
C GLU A 80 14.82 -14.33 3.14
N ALA A 81 15.39 -14.36 1.94
CA ALA A 81 16.71 -13.78 1.72
C ALA A 81 16.71 -12.28 2.01
N GLY A 82 15.69 -11.56 1.51
CA GLY A 82 15.63 -10.13 1.75
C GLY A 82 15.45 -9.78 3.22
N ILE A 83 14.61 -10.54 3.92
CA ILE A 83 14.40 -10.31 5.35
C ILE A 83 15.71 -10.50 6.12
N LYS A 84 16.40 -11.62 5.84
CA LYS A 84 17.66 -11.87 6.55
C LYS A 84 18.72 -10.83 6.20
N LYS A 85 18.76 -10.39 4.93
CA LYS A 85 19.71 -9.37 4.53
C LYS A 85 19.47 -8.06 5.26
N ALA A 86 18.22 -7.60 5.28
CA ALA A 86 17.88 -6.37 5.99
C ALA A 86 18.13 -6.50 7.49
N ALA A 87 17.91 -7.70 8.05
CA ALA A 87 18.20 -7.91 9.46
C ALA A 87 19.69 -7.77 9.75
N GLU A 88 20.54 -8.29 8.86
CA GLU A 88 21.97 -8.09 9.03
C GLU A 88 22.34 -6.61 8.90
N ASN A 89 21.70 -5.90 7.97
CA ASN A 89 21.95 -4.47 7.82
C ASN A 89 21.58 -3.70 9.09
N ILE A 90 20.53 -4.12 9.79
CA ILE A 90 20.16 -3.46 11.04
C ILE A 90 21.11 -3.85 12.17
N LYS A 91 21.55 -5.12 12.19
CA LYS A 91 22.50 -5.56 13.20
C LYS A 91 23.81 -4.77 13.11
N ALA A 92 24.23 -4.45 11.88
CA ALA A 92 25.43 -3.64 11.72
C ALA A 92 25.28 -2.28 12.40
N LEU A 93 24.12 -1.64 12.23
CA LEU A 93 23.88 -0.34 12.86
C LEU A 93 23.85 -0.46 14.38
N ILE A 94 23.21 -1.52 14.90
CA ILE A 94 23.20 -1.74 16.34
C ILE A 94 24.62 -1.88 16.87
N GLU A 95 25.46 -2.65 16.16
CA GLU A 95 26.83 -2.83 16.61
C GLU A 95 27.64 -1.55 16.51
N HIS A 96 27.36 -0.70 15.52
CA HIS A 96 28.00 0.61 15.48
C HIS A 96 27.64 1.44 16.70
N GLU A 97 26.35 1.48 17.03
CA GLU A 97 25.89 2.21 18.21
C GLU A 97 26.61 1.72 19.46
N MET A 98 26.72 0.39 19.62
CA MET A 98 27.46 -0.15 20.75
C MET A 98 28.94 0.20 20.69
N LYS A 99 29.50 0.28 19.48
CA LYS A 99 30.93 0.53 19.34
C LYS A 99 31.28 1.96 19.70
N ASN A 100 30.34 2.88 19.60
CA ASN A 100 30.59 4.28 19.91
C ASN A 100 29.99 4.71 21.26
N GLY A 101 29.82 3.78 22.18
CA GLY A 101 29.46 4.09 23.54
C GLY A 101 28.01 3.97 23.95
N ILE A 102 27.19 3.21 23.22
CA ILE A 102 25.80 3.03 23.62
C ILE A 102 25.50 1.54 23.77
N PRO A 103 25.45 1.01 25.00
CA PRO A 103 25.35 -0.45 25.16
C PRO A 103 24.04 -1.00 24.60
N ALA A 104 24.03 -2.34 24.44
CA ALA A 104 22.91 -3.00 23.79
C ALA A 104 21.64 -2.90 24.63
N ASN A 105 21.76 -3.05 25.95
CA ASN A 105 20.60 -2.93 26.83
C ASN A 105 20.10 -1.50 26.95
N ARG A 106 20.71 -0.56 26.23
CA ARG A 106 20.20 0.81 26.10
C ARG A 106 19.70 1.10 24.70
N ILE A 107 19.50 0.07 23.88
CA ILE A 107 19.07 0.22 22.49
C ILE A 107 17.70 -0.43 22.35
N VAL A 108 16.74 0.32 21.81
CA VAL A 108 15.38 -0.16 21.60
C VAL A 108 15.11 -0.17 20.10
N LEU A 109 14.63 -1.31 19.60
CA LEU A 109 14.29 -1.47 18.20
C LEU A 109 12.78 -1.34 18.04
N GLY A 110 12.34 -0.41 17.19
CA GLY A 110 10.93 -0.20 16.97
C GLY A 110 10.63 0.00 15.49
N GLY A 111 9.35 -0.02 15.17
CA GLY A 111 8.95 0.20 13.79
C GLY A 111 7.45 0.13 13.64
N PHE A 112 7.00 0.43 12.43
CA PHE A 112 5.58 0.39 12.09
C PHE A 112 5.40 -0.44 10.83
N SER A 113 4.36 -1.29 10.85
CA SER A 113 4.02 -2.15 9.71
C SER A 113 5.20 -3.01 9.30
N GLN A 114 5.66 -2.86 8.06
CA GLN A 114 6.81 -3.64 7.61
C GLN A 114 8.08 -3.28 8.39
N GLY A 115 8.20 -2.01 8.79
CA GLY A 115 9.31 -1.63 9.64
C GLY A 115 9.25 -2.29 11.00
N GLY A 116 8.05 -2.35 11.59
CA GLY A 116 7.89 -3.09 12.83
C GLY A 116 8.15 -4.57 12.68
N ALA A 117 7.81 -5.13 11.51
CA ALA A 117 8.10 -6.54 11.26
C ALA A 117 9.60 -6.79 11.21
N LEU A 118 10.33 -5.97 10.46
CA LEU A 118 11.78 -6.13 10.39
C LEU A 118 12.42 -5.89 11.75
N SER A 119 11.90 -4.93 12.52
CA SER A 119 12.43 -4.70 13.86
C SER A 119 12.21 -5.90 14.76
N LEU A 120 11.01 -6.50 14.71
CA LEU A 120 10.72 -7.70 15.48
C LEU A 120 11.67 -8.83 15.10
N TYR A 121 11.85 -9.05 13.80
CA TYR A 121 12.72 -10.15 13.38
C TYR A 121 14.17 -9.90 13.78
N THR A 122 14.62 -8.64 13.68
CA THR A 122 16.00 -8.32 14.01
C THR A 122 16.27 -8.53 15.49
N ALA A 123 15.40 -7.97 16.35
CA ALA A 123 15.63 -8.06 17.79
C ALA A 123 15.46 -9.47 18.32
N LEU A 124 14.69 -10.32 17.64
CA LEU A 124 14.53 -11.71 18.05
C LEU A 124 15.63 -12.61 17.51
N THR A 125 16.51 -12.09 16.65
CA THR A 125 17.67 -12.82 16.17
C THR A 125 18.99 -12.18 16.58
N CYS A 126 18.97 -10.95 17.08
CA CYS A 126 20.20 -10.26 17.44
C CYS A 126 20.89 -10.99 18.58
N PRO A 127 22.18 -11.31 18.44
CA PRO A 127 22.91 -11.96 19.54
C PRO A 127 23.30 -11.02 20.67
N HIS A 128 23.06 -9.73 20.54
CA HIS A 128 23.44 -8.82 21.60
C HIS A 128 22.26 -8.54 22.52
N PRO A 129 22.52 -8.39 23.82
CA PRO A 129 21.41 -8.19 24.78
C PRO A 129 20.68 -6.87 24.56
N LEU A 130 19.76 -6.84 23.59
CA LEU A 130 18.97 -5.65 23.33
C LEU A 130 18.02 -5.35 24.48
N ALA A 131 17.56 -4.10 24.53
CA ALA A 131 16.69 -3.66 25.63
C ALA A 131 15.24 -4.10 25.40
N GLY A 132 14.63 -3.64 24.31
CA GLY A 132 13.24 -3.96 24.07
C GLY A 132 12.82 -3.68 22.65
N ILE A 133 11.57 -4.02 22.35
CA ILE A 133 10.98 -3.86 21.03
C ILE A 133 9.70 -3.06 21.16
N VAL A 134 9.44 -2.21 20.15
CA VAL A 134 8.20 -1.45 20.06
C VAL A 134 7.61 -1.74 18.68
N ALA A 135 6.64 -2.64 18.62
CA ALA A 135 6.05 -3.10 17.37
C ALA A 135 4.62 -2.61 17.28
N LEU A 136 4.35 -1.69 16.35
CA LEU A 136 3.03 -1.10 16.19
C LEU A 136 2.41 -1.57 14.89
N SER A 137 1.32 -2.34 15.00
CA SER A 137 0.51 -2.77 13.86
C SER A 137 1.38 -3.47 12.80
N CYS A 138 1.86 -4.66 13.18
CA CYS A 138 2.78 -5.39 12.32
C CYS A 138 2.65 -6.88 12.61
N TRP A 139 3.65 -7.65 12.18
CA TRP A 139 3.66 -9.10 12.33
C TRP A 139 5.10 -9.57 12.49
N LEU A 140 5.27 -10.88 12.71
CA LEU A 140 6.59 -11.46 12.82
C LEU A 140 6.95 -12.16 11.52
N PRO A 141 7.94 -11.67 10.76
CA PRO A 141 8.34 -12.37 9.54
C PRO A 141 8.92 -13.74 9.84
N LEU A 142 8.54 -14.72 9.01
CA LEU A 142 9.00 -16.11 9.15
C LEU A 142 8.70 -16.64 10.55
N HIS A 143 7.42 -16.55 10.93
CA HIS A 143 7.01 -16.97 12.27
C HIS A 143 6.89 -18.48 12.43
N ARG A 144 6.73 -19.22 11.34
CA ARG A 144 6.53 -20.66 11.45
C ARG A 144 7.79 -21.38 11.91
N ALA A 145 8.83 -21.33 11.09
CA ALA A 145 10.08 -22.05 11.38
C ALA A 145 10.89 -21.33 12.45
N PHE A 146 10.21 -20.70 13.40
CA PHE A 146 10.87 -19.92 14.44
C PHE A 146 10.87 -20.74 15.73
N PRO A 147 12.04 -21.20 16.22
CA PRO A 147 12.08 -21.81 17.54
C PRO A 147 11.49 -20.90 18.60
N GLN A 148 10.33 -21.28 19.14
CA GLN A 148 9.56 -20.41 20.01
C GLN A 148 10.10 -20.41 21.44
N ASN A 151 15.67 -18.32 21.09
CA ASN A 151 16.03 -17.92 19.74
C ASN A 151 16.77 -16.59 19.79
N GLY A 152 17.66 -16.38 18.82
CA GLY A 152 18.57 -15.26 18.88
C GLY A 152 19.59 -15.51 19.97
N SER A 153 19.68 -14.61 20.94
CA SER A 153 20.56 -14.79 22.08
C SER A 153 20.19 -13.79 23.17
N ALA A 154 20.11 -14.27 24.40
CA ALA A 154 19.80 -13.44 25.57
C ALA A 154 18.51 -12.66 25.35
N LYS A 155 17.42 -13.40 25.21
CA LYS A 155 16.11 -12.81 24.91
C LYS A 155 15.34 -12.55 26.20
N ASP A 156 15.91 -11.63 26.99
CA ASP A 156 15.18 -11.00 28.09
C ASP A 156 14.49 -9.72 27.64
N LEU A 157 14.03 -9.70 26.39
CA LEU A 157 13.52 -8.48 25.78
C LEU A 157 12.16 -8.09 26.35
N ALA A 158 11.89 -6.79 26.35
CA ALA A 158 10.59 -6.26 26.69
C ALA A 158 9.90 -5.82 25.39
N ILE A 159 8.74 -6.39 25.11
CA ILE A 159 8.01 -6.13 23.87
C ILE A 159 6.78 -5.30 24.20
N LEU A 160 6.63 -4.18 23.50
CA LEU A 160 5.40 -3.40 23.53
C LEU A 160 4.81 -3.45 22.13
N GLN A 161 3.86 -4.38 21.93
CA GLN A 161 3.17 -4.53 20.65
C GLN A 161 1.82 -3.86 20.73
N CYS A 162 1.52 -3.02 19.75
CA CYS A 162 0.24 -2.32 19.67
C CYS A 162 -0.38 -2.58 18.31
N HIS A 163 -1.71 -2.75 18.29
CA HIS A 163 -2.37 -3.03 17.03
C HIS A 163 -3.73 -2.36 16.97
N GLY A 164 -4.08 -1.88 15.77
CA GLY A 164 -5.41 -1.33 15.56
C GLY A 164 -6.44 -2.44 15.48
N GLU A 165 -7.50 -2.31 16.28
CA GLU A 165 -8.53 -3.34 16.34
C GLU A 165 -9.26 -3.46 15.00
N LEU A 166 -9.34 -2.37 14.24
CA LEU A 166 -10.00 -2.34 12.94
C LEU A 166 -8.98 -2.10 11.82
N ASP A 167 -7.82 -2.73 11.92
CA ASP A 167 -6.75 -2.54 10.96
C ASP A 167 -7.10 -3.20 9.63
N PRO A 168 -7.31 -2.44 8.55
CA PRO A 168 -7.67 -3.05 7.27
C PRO A 168 -6.48 -3.51 6.44
N MET A 169 -5.26 -3.22 6.88
CA MET A 169 -4.07 -3.61 6.14
C MET A 169 -3.52 -4.92 6.69
N VAL A 170 -2.79 -4.84 7.80
CA VAL A 170 -2.31 -6.03 8.49
C VAL A 170 -3.43 -6.56 9.37
N PRO A 171 -3.87 -7.80 9.17
CA PRO A 171 -4.99 -8.32 9.97
C PRO A 171 -4.66 -8.31 11.46
N VAL A 172 -5.67 -7.98 12.26
CA VAL A 172 -5.47 -7.91 13.71
C VAL A 172 -5.21 -9.30 14.28
N ARG A 173 -5.73 -10.35 13.64
CA ARG A 173 -5.45 -11.70 14.11
C ARG A 173 -4.02 -12.11 13.78
N PHE A 174 -3.44 -11.55 12.72
CA PHE A 174 -2.01 -11.75 12.47
C PHE A 174 -1.18 -11.16 13.62
N GLY A 175 -1.57 -9.97 14.08
CA GLY A 175 -0.90 -9.38 15.23
C GLY A 175 -1.12 -10.18 16.51
N ALA A 176 -2.31 -10.75 16.68
CA ALA A 176 -2.56 -11.57 17.87
C ALA A 176 -1.75 -12.86 17.83
N LEU A 177 -1.67 -13.50 16.67
CA LEU A 177 -0.81 -14.67 16.51
C LEU A 177 0.65 -14.33 16.78
N THR A 178 1.10 -13.17 16.29
CA THR A 178 2.45 -12.73 16.56
C THR A 178 2.68 -12.49 18.05
N ALA A 179 1.69 -11.90 18.73
CA ALA A 179 1.82 -11.66 20.15
C ALA A 179 1.90 -12.96 20.93
N GLU A 180 1.09 -13.95 20.55
CA GLU A 180 1.12 -15.24 21.23
C GLU A 180 2.40 -16.00 20.91
N LYS A 181 2.99 -15.75 19.74
CA LYS A 181 4.25 -16.42 19.39
C LYS A 181 5.44 -15.74 20.03
N LEU A 182 5.33 -14.44 20.35
CA LEU A 182 6.40 -13.74 21.05
C LEU A 182 6.50 -14.19 22.50
N ARG A 183 5.35 -14.28 23.17
CA ARG A 183 5.33 -14.71 24.57
C ARG A 183 5.88 -16.12 24.75
N SER A 184 5.93 -16.91 23.68
CA SER A 184 6.54 -18.24 23.77
C SER A 184 8.04 -18.13 23.97
N VAL A 185 8.70 -17.24 23.22
CA VAL A 185 10.14 -17.09 23.28
C VAL A 185 10.54 -16.45 24.60
N VAL A 186 10.25 -15.16 24.74
CA VAL A 186 10.67 -14.38 25.90
C VAL A 186 9.74 -14.65 27.08
N THR A 187 9.89 -13.86 28.13
CA THR A 187 9.02 -13.99 29.30
C THR A 187 7.67 -13.34 29.00
N PRO A 188 6.55 -14.07 29.12
CA PRO A 188 5.24 -13.47 28.81
C PRO A 188 4.89 -12.29 29.69
N ALA A 189 5.47 -12.20 30.88
CA ALA A 189 5.24 -11.03 31.72
C ALA A 189 5.91 -9.79 31.16
N ARG A 190 6.86 -9.96 30.23
CA ARG A 190 7.59 -8.85 29.63
C ARG A 190 6.99 -8.42 28.30
N VAL A 191 5.92 -9.06 27.84
CA VAL A 191 5.27 -8.72 26.59
C VAL A 191 3.90 -8.11 26.87
N GLN A 192 3.73 -6.85 26.46
CA GLN A 192 2.43 -6.18 26.49
C GLN A 192 1.90 -6.14 25.06
N PHE A 193 0.64 -6.54 24.88
CA PHE A 193 0.00 -6.52 23.56
C PHE A 193 -1.31 -5.74 23.70
N LYS A 194 -1.27 -4.46 23.31
CA LYS A 194 -2.40 -3.56 23.45
C LYS A 194 -3.10 -3.40 22.11
N THR A 195 -4.37 -3.76 22.08
CA THR A 195 -5.24 -3.50 20.94
C THR A 195 -6.02 -2.22 21.20
N TYR A 196 -6.22 -1.43 20.16
CA TYR A 196 -6.93 -0.16 20.31
C TYR A 196 -8.22 -0.16 19.51
N PRO A 197 -9.38 -0.13 20.17
CA PRO A 197 -10.65 -0.13 19.44
C PRO A 197 -10.87 1.17 18.68
N GLY A 198 -11.50 1.04 17.51
CA GLY A 198 -11.85 2.16 16.69
C GLY A 198 -10.77 2.60 15.71
N VAL A 199 -9.51 2.39 16.05
CA VAL A 199 -8.41 2.82 15.19
C VAL A 199 -8.14 1.74 14.16
N MET A 200 -7.59 2.15 13.02
CA MET A 200 -7.31 1.24 11.92
C MET A 200 -5.81 1.11 11.73
N HIS A 201 -5.35 1.03 10.47
CA HIS A 201 -3.92 0.99 10.21
C HIS A 201 -3.30 2.36 10.48
N SER A 202 -3.20 2.72 11.76
CA SER A 202 -2.72 4.04 12.15
C SER A 202 -2.37 4.00 13.63
N SER A 203 -1.80 5.10 14.10
CA SER A 203 -1.47 5.26 15.51
C SER A 203 -2.48 6.21 16.16
N CYS A 204 -2.33 6.39 17.47
CA CYS A 204 -3.23 7.23 18.24
C CYS A 204 -2.46 7.77 19.44
N PRO A 205 -2.94 8.87 20.04
CA PRO A 205 -2.25 9.39 21.23
C PRO A 205 -2.13 8.40 22.36
N GLN A 206 -3.10 7.50 22.54
CA GLN A 206 -2.99 6.49 23.57
C GLN A 206 -1.85 5.53 23.29
N GLU A 207 -1.70 5.11 22.02
CA GLU A 207 -0.59 4.24 21.64
C GLU A 207 0.75 4.96 21.79
N MET A 208 0.81 6.22 21.39
CA MET A 208 2.03 7.00 21.58
C MET A 208 2.37 7.13 23.06
N ALA A 209 1.36 7.27 23.91
CA ALA A 209 1.60 7.36 25.35
C ALA A 209 2.07 6.03 25.91
N ALA A 210 1.56 4.93 25.40
CA ALA A 210 2.07 3.62 25.78
C ALA A 210 3.54 3.48 25.42
N VAL A 211 3.91 3.93 24.22
CA VAL A 211 5.32 3.91 23.82
C VAL A 211 6.15 4.80 24.73
N LYS A 212 5.60 5.96 25.12
CA LYS A 212 6.32 6.87 26.00
C LYS A 212 6.59 6.23 27.36
N GLU A 213 5.55 5.62 27.96
CA GLU A 213 5.73 4.97 29.25
C GLU A 213 6.70 3.79 29.15
N PHE A 214 6.57 2.99 28.08
CA PHE A 214 7.46 1.85 27.89
C PHE A 214 8.92 2.30 27.81
N LEU A 215 9.20 3.32 26.99
CA LEU A 215 10.56 3.80 26.84
C LEU A 215 11.05 4.52 28.09
N GLU A 216 10.14 5.16 28.83
CA GLU A 216 10.55 5.91 30.01
C GLU A 216 10.93 4.97 31.15
N LYS A 217 10.25 3.84 31.27
CA LYS A 217 10.62 2.87 32.29
C LYS A 217 11.63 1.84 31.80
N LEU A 218 11.88 1.77 30.50
CA LEU A 218 12.90 0.88 29.97
C LEU A 218 14.23 1.57 29.73
N LEU A 219 14.22 2.88 29.49
CA LEU A 219 15.43 3.68 29.31
C LEU A 219 15.39 4.83 30.30
N PRO A 220 15.75 4.59 31.55
CA PRO A 220 15.70 5.66 32.55
C PRO A 220 16.95 6.52 32.49
N PRO A 221 16.88 7.75 33.01
CA PRO A 221 18.06 8.63 32.98
C PRO A 221 19.23 8.09 33.79
N VAL A 222 19.98 7.15 33.21
CA VAL A 222 21.14 6.59 33.89
C VAL A 222 22.41 7.21 33.32
N LEU B 1 -9.39 21.23 -17.77
CA LEU B 1 -8.90 22.61 -17.69
C LEU B 1 -7.40 22.64 -17.46
N LEU B 2 -6.88 21.62 -16.76
CA LEU B 2 -5.47 21.54 -16.41
C LEU B 2 -5.10 20.05 -16.30
N THR B 3 -4.79 19.45 -17.45
CA THR B 3 -4.50 18.03 -17.52
C THR B 3 -2.99 17.81 -17.44
N ASP B 4 -2.56 17.02 -16.46
CA ASP B 4 -1.16 16.62 -16.30
C ASP B 4 -1.11 15.10 -16.41
N ALA B 5 -0.48 14.61 -17.48
CA ALA B 5 -0.57 13.19 -17.81
C ALA B 5 0.65 12.78 -18.61
N ALA B 6 0.71 11.49 -18.94
CA ALA B 6 1.59 10.95 -19.96
C ALA B 6 0.70 10.37 -21.05
N THR B 7 0.89 10.82 -22.29
CA THR B 7 -0.05 10.52 -23.36
C THR B 7 0.67 9.81 -24.49
N VAL B 8 0.18 8.62 -24.84
CA VAL B 8 0.60 7.89 -26.03
C VAL B 8 -0.28 8.38 -27.18
N SER B 9 0.35 9.04 -28.16
CA SER B 9 -0.36 9.55 -29.32
C SER B 9 -0.64 8.43 -30.31
N GLY B 10 -1.63 8.67 -31.17
CA GLY B 10 -1.93 7.75 -32.25
C GLY B 10 -1.04 8.00 -33.44
N ALA B 11 -0.63 6.92 -34.10
CA ALA B 11 0.20 7.04 -35.29
C ALA B 11 -0.52 7.81 -36.39
N GLU B 12 -1.82 7.59 -36.53
CA GLU B 12 -2.65 8.31 -37.47
C GLU B 12 -3.46 9.37 -36.72
N ARG B 13 -4.45 9.95 -37.40
CA ARG B 13 -5.32 10.93 -36.75
C ARG B 13 -6.07 10.28 -35.60
N GLU B 14 -5.93 10.86 -34.41
CA GLU B 14 -6.54 10.30 -33.22
C GLU B 14 -8.06 10.43 -33.31
N THR B 15 -8.74 9.30 -33.53
CA THR B 15 -10.20 9.28 -33.57
C THR B 15 -10.81 8.73 -32.30
N ALA B 16 -10.17 7.75 -31.66
CA ALA B 16 -10.63 7.18 -30.41
C ALA B 16 -9.66 7.57 -29.29
N ALA B 17 -10.18 7.54 -28.05
CA ALA B 17 -9.41 7.97 -26.90
C ALA B 17 -9.59 6.98 -25.76
N VAL B 18 -8.53 6.83 -24.97
CA VAL B 18 -8.53 5.96 -23.79
C VAL B 18 -7.96 6.74 -22.63
N ILE B 19 -8.70 6.78 -21.52
CA ILE B 19 -8.24 7.43 -20.30
C ILE B 19 -8.00 6.34 -19.27
N PHE B 20 -6.72 6.08 -18.96
CA PHE B 20 -6.34 5.01 -18.06
C PHE B 20 -5.82 5.59 -16.75
N LEU B 21 -6.26 5.02 -15.64
CA LEU B 21 -5.92 5.48 -14.30
C LEU B 21 -5.08 4.42 -13.60
N HIS B 22 -3.82 4.74 -13.31
CA HIS B 22 -2.88 3.80 -12.74
C HIS B 22 -3.32 3.37 -11.33
N GLY B 23 -2.59 2.41 -10.78
CA GLY B 23 -2.85 1.93 -9.44
C GLY B 23 -2.42 2.93 -8.38
N LEU B 24 -2.71 2.58 -7.14
CA LEU B 24 -2.41 3.44 -6.00
C LEU B 24 -0.92 3.37 -5.69
N GLY B 25 -0.21 4.47 -5.95
CA GLY B 25 1.19 4.54 -5.56
C GLY B 25 2.13 5.13 -6.59
N ASP B 26 1.85 4.92 -7.88
CA ASP B 26 2.78 5.30 -8.93
C ASP B 26 2.24 6.49 -9.73
N THR B 27 2.72 6.63 -10.95
CA THR B 27 2.33 7.68 -11.89
C THR B 27 1.75 7.03 -13.15
N GLY B 28 1.51 7.85 -14.16
CA GLY B 28 1.04 7.34 -15.43
C GLY B 28 2.13 6.84 -16.36
N HIS B 29 3.40 7.00 -15.99
CA HIS B 29 4.49 6.58 -16.86
C HIS B 29 4.48 5.08 -17.08
N SER B 30 4.28 4.31 -16.01
CA SER B 30 4.34 2.86 -16.12
C SER B 30 3.27 2.31 -17.06
N TRP B 31 2.02 2.74 -16.88
CA TRP B 31 0.95 2.25 -17.73
C TRP B 31 1.02 2.84 -19.13
N ALA B 32 1.55 4.07 -19.28
CA ALA B 32 1.80 4.60 -20.61
C ALA B 32 2.84 3.77 -21.35
N ASP B 33 3.81 3.22 -20.62
CA ASP B 33 4.77 2.31 -21.22
C ASP B 33 4.15 0.94 -21.50
N ALA B 34 3.14 0.55 -20.72
CA ALA B 34 2.45 -0.72 -20.93
C ALA B 34 1.40 -0.64 -22.03
N LEU B 35 0.81 0.53 -22.22
CA LEU B 35 -0.35 0.63 -23.09
C LEU B 35 0.03 0.68 -24.57
N SER B 36 1.23 1.18 -24.88
CA SER B 36 1.63 1.39 -26.26
C SER B 36 2.24 0.15 -26.91
N THR B 37 2.51 -0.90 -26.14
CA THR B 37 3.01 -2.14 -26.74
C THR B 37 1.99 -2.74 -27.69
N ILE B 38 0.72 -2.56 -27.41
CA ILE B 38 -0.37 -3.18 -28.15
C ILE B 38 -1.23 -2.14 -28.84
N ARG B 39 -0.82 -0.87 -28.78
CA ARG B 39 -1.57 0.31 -29.22
C ARG B 39 -2.11 0.17 -30.64
N LEU B 40 -3.13 1.00 -30.92
CA LEU B 40 -3.82 1.17 -32.18
C LEU B 40 -3.53 2.56 -32.74
N PRO B 41 -3.33 2.68 -34.06
CA PRO B 41 -2.84 3.96 -34.61
C PRO B 41 -3.83 5.11 -34.52
N HIS B 42 -5.13 4.83 -34.38
CA HIS B 42 -6.12 5.90 -34.27
C HIS B 42 -6.61 6.12 -32.86
N VAL B 43 -6.08 5.38 -31.88
CA VAL B 43 -6.51 5.48 -30.49
C VAL B 43 -5.46 6.23 -29.70
N LYS B 44 -5.91 7.13 -28.84
CA LYS B 44 -5.06 8.01 -28.05
C LYS B 44 -5.17 7.64 -26.58
N TYR B 45 -4.04 7.40 -25.92
CA TYR B 45 -4.02 6.86 -24.56
C TYR B 45 -3.53 7.92 -23.59
N ILE B 46 -4.43 8.46 -22.79
CA ILE B 46 -4.07 9.42 -21.75
C ILE B 46 -3.92 8.66 -20.43
N CYS B 47 -2.82 8.90 -19.72
CA CYS B 47 -2.58 8.32 -18.40
C CYS B 47 -2.24 9.45 -17.45
N PRO B 48 -3.23 10.00 -16.75
CA PRO B 48 -2.96 11.09 -15.82
C PRO B 48 -2.22 10.61 -14.58
N HIS B 49 -1.61 11.58 -13.89
CA HIS B 49 -0.90 11.32 -12.65
C HIS B 49 -1.79 11.66 -11.46
N ALA B 50 -1.77 10.80 -10.47
CA ALA B 50 -2.61 11.04 -9.30
C ALA B 50 -1.98 12.12 -8.42
N PRO B 51 -2.78 13.02 -7.86
CA PRO B 51 -2.25 14.01 -6.93
C PRO B 51 -1.81 13.35 -5.64
N ARG B 52 -0.70 13.84 -5.09
CA ARG B 52 -0.16 13.29 -3.84
C ARG B 52 -1.01 13.75 -2.66
N ILE B 53 -1.82 12.84 -2.12
CA ILE B 53 -2.68 13.16 -0.99
C ILE B 53 -2.41 12.18 0.13
N PRO B 54 -2.79 12.52 1.36
CA PRO B 54 -2.70 11.55 2.45
C PRO B 54 -3.73 10.44 2.30
N VAL B 55 -3.28 9.21 2.52
CA VAL B 55 -4.12 8.02 2.38
C VAL B 55 -4.31 7.39 3.75
N THR B 56 -5.57 7.30 4.19
CA THR B 56 -5.87 6.71 5.49
C THR B 56 -5.63 5.21 5.54
N LEU B 57 -5.47 4.55 4.38
CA LEU B 57 -5.14 3.13 4.41
C LEU B 57 -3.78 2.91 5.06
N ASN B 58 -2.84 3.83 4.86
CA ASN B 58 -1.62 3.91 5.63
C ASN B 58 -1.85 4.85 6.81
N MET B 59 -0.81 5.16 7.57
CA MET B 59 -0.98 6.05 8.72
C MET B 59 -1.16 7.50 8.28
N LYS B 60 -2.05 7.71 7.30
CA LYS B 60 -2.30 9.02 6.70
C LYS B 60 -1.03 9.61 6.09
N MET B 61 -0.17 8.76 5.52
CA MET B 61 1.00 9.23 4.83
C MET B 61 0.63 9.71 3.42
N VAL B 62 1.48 10.55 2.87
CA VAL B 62 1.22 11.18 1.57
C VAL B 62 1.72 10.27 0.46
N MET B 63 0.86 9.99 -0.51
CA MET B 63 1.24 9.21 -1.68
C MET B 63 0.29 9.57 -2.82
N PRO B 64 0.66 9.26 -4.06
CA PRO B 64 -0.27 9.53 -5.18
C PRO B 64 -1.53 8.69 -5.05
N SER B 65 -2.68 9.36 -5.07
CA SER B 65 -3.95 8.68 -4.90
C SER B 65 -5.05 9.47 -5.60
N TRP B 66 -5.97 8.74 -6.23
CA TRP B 66 -7.12 9.40 -6.85
C TRP B 66 -8.11 9.91 -5.81
N PHE B 67 -8.17 9.25 -4.65
CA PHE B 67 -9.02 9.69 -3.54
C PHE B 67 -8.51 9.02 -2.28
N ASP B 68 -9.06 9.45 -1.14
CA ASP B 68 -8.70 8.89 0.14
C ASP B 68 -9.23 7.47 0.25
N LEU B 69 -8.33 6.50 0.45
CA LEU B 69 -8.69 5.10 0.57
C LEU B 69 -8.56 4.66 2.03
N MET B 70 -9.63 4.11 2.58
CA MET B 70 -9.66 3.70 3.97
C MET B 70 -9.75 2.18 4.14
N GLY B 71 -9.72 1.42 3.06
CA GLY B 71 -9.78 -0.03 3.16
C GLY B 71 -9.89 -0.67 1.81
N LEU B 72 -9.77 -2.00 1.81
CA LEU B 72 -9.89 -2.83 0.62
C LEU B 72 -10.93 -3.92 0.82
N SER B 73 -11.96 -3.65 1.63
CA SER B 73 -13.03 -4.58 1.94
C SER B 73 -14.38 -3.99 1.55
N PRO B 74 -15.34 -4.83 1.16
CA PRO B 74 -16.68 -4.29 0.81
C PRO B 74 -17.35 -3.56 1.95
N ASP B 75 -16.92 -3.76 3.19
CA ASP B 75 -17.50 -3.10 4.35
C ASP B 75 -16.65 -1.95 4.87
N ALA B 76 -15.48 -1.72 4.30
CA ALA B 76 -14.64 -0.63 4.76
C ALA B 76 -15.28 0.71 4.38
N PRO B 77 -15.16 1.73 5.24
CA PRO B 77 -15.72 3.04 4.89
C PRO B 77 -15.00 3.63 3.69
N GLU B 78 -15.74 4.41 2.91
CA GLU B 78 -15.25 4.96 1.65
C GLU B 78 -15.41 6.47 1.64
N ASP B 79 -14.41 7.17 1.10
CA ASP B 79 -14.45 8.61 0.98
C ASP B 79 -15.45 9.04 -0.08
N GLU B 80 -16.69 9.29 0.33
CA GLU B 80 -17.75 9.60 -0.62
C GLU B 80 -17.43 10.87 -1.40
N ALA B 81 -17.12 11.96 -0.70
CA ALA B 81 -16.90 13.24 -1.35
C ALA B 81 -15.69 13.19 -2.28
N GLY B 82 -14.60 12.56 -1.85
CA GLY B 82 -13.42 12.47 -2.69
C GLY B 82 -13.67 11.66 -3.95
N ILE B 83 -14.41 10.55 -3.82
CA ILE B 83 -14.76 9.75 -4.99
C ILE B 83 -15.57 10.57 -5.98
N LYS B 84 -16.60 11.28 -5.48
CA LYS B 84 -17.43 12.08 -6.38
C LYS B 84 -16.62 13.21 -7.02
N LYS B 85 -15.71 13.81 -6.27
CA LYS B 85 -14.94 14.93 -6.79
C LYS B 85 -13.96 14.48 -7.87
N ALA B 86 -13.25 13.38 -7.64
CA ALA B 86 -12.40 12.82 -8.67
C ALA B 86 -13.21 12.39 -9.89
N ALA B 87 -14.43 11.88 -9.67
CA ALA B 87 -15.28 11.53 -10.80
C ALA B 87 -15.61 12.76 -11.64
N GLU B 88 -15.92 13.89 -10.99
CA GLU B 88 -16.17 15.12 -11.72
C GLU B 88 -14.93 15.57 -12.47
N ASN B 89 -13.75 15.44 -11.85
CA ASN B 89 -12.51 15.82 -12.51
C ASN B 89 -12.25 14.96 -13.74
N ILE B 90 -12.68 13.70 -13.72
CA ILE B 90 -12.53 12.84 -14.90
C ILE B 90 -13.57 13.20 -15.97
N LYS B 91 -14.80 13.50 -15.54
CA LYS B 91 -15.84 13.89 -16.48
C LYS B 91 -15.46 15.16 -17.22
N ALA B 92 -14.76 16.09 -16.56
CA ALA B 92 -14.29 17.29 -17.24
C ALA B 92 -13.34 16.94 -18.38
N LEU B 93 -12.44 15.97 -18.15
CA LEU B 93 -11.51 15.54 -19.19
C LEU B 93 -12.25 14.88 -20.36
N ILE B 94 -13.24 14.04 -20.04
CA ILE B 94 -14.04 13.41 -21.10
C ILE B 94 -14.76 14.48 -21.92
N GLU B 95 -15.30 15.50 -21.25
CA GLU B 95 -16.00 16.56 -21.96
C GLU B 95 -15.04 17.39 -22.80
N HIS B 96 -13.79 17.54 -22.37
CA HIS B 96 -12.79 18.20 -23.20
C HIS B 96 -12.52 17.40 -24.47
N GLU B 97 -12.32 16.09 -24.31
CA GLU B 97 -12.11 15.24 -25.48
C GLU B 97 -13.28 15.32 -26.44
N MET B 98 -14.51 15.40 -25.92
CA MET B 98 -15.66 15.61 -26.79
C MET B 98 -15.66 17.02 -27.39
N LYS B 99 -15.14 18.00 -26.66
CA LYS B 99 -15.07 19.37 -27.15
C LYS B 99 -14.18 19.47 -28.37
N ASN B 100 -13.09 18.70 -28.42
CA ASN B 100 -12.14 18.79 -29.52
C ASN B 100 -12.27 17.65 -30.53
N GLY B 101 -13.48 17.15 -30.74
CA GLY B 101 -13.76 16.29 -31.87
C GLY B 101 -13.62 14.80 -31.65
N ILE B 102 -13.72 14.33 -30.41
CA ILE B 102 -13.68 12.89 -30.13
C ILE B 102 -14.98 12.49 -29.45
N PRO B 103 -15.88 11.79 -30.15
CA PRO B 103 -17.19 11.47 -29.58
C PRO B 103 -17.07 10.60 -28.33
N ALA B 104 -18.15 10.61 -27.54
CA ALA B 104 -18.16 9.88 -26.28
C ALA B 104 -18.10 8.36 -26.51
N ASN B 105 -18.80 7.87 -27.53
CA ASN B 105 -18.76 6.46 -27.86
C ASN B 105 -17.44 6.02 -28.46
N ARG B 106 -16.46 6.93 -28.55
CA ARG B 106 -15.10 6.60 -28.96
C ARG B 106 -14.12 6.71 -27.79
N ILE B 107 -14.62 6.92 -26.58
CA ILE B 107 -13.79 7.14 -25.40
C ILE B 107 -13.98 5.97 -24.45
N VAL B 108 -12.88 5.38 -24.01
CA VAL B 108 -12.89 4.22 -23.12
C VAL B 108 -12.14 4.59 -21.84
N LEU B 109 -12.81 4.40 -20.70
CA LEU B 109 -12.21 4.61 -19.39
C LEU B 109 -11.68 3.29 -18.85
N GLY B 110 -10.41 3.28 -18.43
CA GLY B 110 -9.81 2.09 -17.86
C GLY B 110 -8.93 2.44 -16.69
N GLY B 111 -8.42 1.42 -16.02
CA GLY B 111 -7.55 1.65 -14.90
C GLY B 111 -7.18 0.36 -14.22
N PHE B 112 -6.36 0.50 -13.17
CA PHE B 112 -5.90 -0.62 -12.37
C PHE B 112 -5.99 -0.26 -10.91
N SER B 113 -6.44 -1.21 -10.10
CA SER B 113 -6.54 -1.06 -8.64
C SER B 113 -7.44 0.14 -8.35
N GLN B 114 -6.99 1.12 -7.55
CA GLN B 114 -7.82 2.28 -7.24
C GLN B 114 -8.19 3.05 -8.50
N GLY B 115 -7.29 3.08 -9.49
CA GLY B 115 -7.61 3.76 -10.74
C GLY B 115 -8.71 3.07 -11.52
N GLY B 116 -8.67 1.73 -11.56
CA GLY B 116 -9.77 0.99 -12.17
C GLY B 116 -11.09 1.23 -11.45
N ALA B 117 -11.05 1.30 -10.12
CA ALA B 117 -12.25 1.58 -9.35
C ALA B 117 -12.79 2.97 -9.68
N LEU B 118 -11.91 3.97 -9.77
CA LEU B 118 -12.37 5.33 -10.09
C LEU B 118 -12.96 5.40 -11.50
N SER B 119 -12.28 4.79 -12.47
CA SER B 119 -12.80 4.81 -13.84
C SER B 119 -14.11 4.05 -13.95
N LEU B 120 -14.27 2.97 -13.18
CA LEU B 120 -15.52 2.23 -13.19
C LEU B 120 -16.65 3.04 -12.58
N TYR B 121 -16.39 3.70 -11.44
CA TYR B 121 -17.41 4.57 -10.85
C TYR B 121 -17.76 5.72 -11.76
N THR B 122 -16.79 6.25 -12.50
CA THR B 122 -17.05 7.40 -13.36
C THR B 122 -17.87 6.99 -14.59
N ALA B 123 -17.49 5.88 -15.22
CA ALA B 123 -18.21 5.44 -16.42
C ALA B 123 -19.62 4.99 -16.12
N LEU B 124 -19.91 4.55 -14.90
CA LEU B 124 -21.27 4.21 -14.50
C LEU B 124 -22.03 5.41 -13.92
N THR B 125 -21.45 6.60 -13.99
CA THR B 125 -22.13 7.82 -13.57
C THR B 125 -22.13 8.91 -14.63
N CYS B 126 -21.37 8.75 -15.70
CA CYS B 126 -21.28 9.78 -16.73
C CYS B 126 -22.59 9.83 -17.53
N PRO B 127 -23.18 11.01 -17.72
CA PRO B 127 -24.40 11.13 -18.52
C PRO B 127 -24.18 11.10 -20.02
N HIS B 128 -22.94 10.86 -20.49
CA HIS B 128 -22.65 10.81 -21.91
C HIS B 128 -22.46 9.37 -22.37
N PRO B 129 -22.89 9.05 -23.59
CA PRO B 129 -22.75 7.66 -24.07
C PRO B 129 -21.31 7.21 -24.23
N LEU B 130 -20.71 6.72 -23.14
CA LEU B 130 -19.33 6.26 -23.18
C LEU B 130 -19.24 4.91 -23.88
N ALA B 131 -18.07 4.68 -24.51
CA ALA B 131 -17.84 3.44 -25.25
C ALA B 131 -17.80 2.24 -24.31
N GLY B 132 -16.69 2.08 -23.59
CA GLY B 132 -16.53 0.92 -22.73
C GLY B 132 -15.62 1.20 -21.55
N ILE B 133 -15.44 0.16 -20.73
CA ILE B 133 -14.63 0.23 -19.52
C ILE B 133 -13.61 -0.90 -19.54
N VAL B 134 -12.46 -0.65 -18.91
CA VAL B 134 -11.40 -1.65 -18.74
C VAL B 134 -11.00 -1.62 -17.27
N ALA B 135 -11.65 -2.44 -16.44
CA ALA B 135 -11.43 -2.46 -15.01
C ALA B 135 -10.53 -3.64 -14.65
N LEU B 136 -9.30 -3.34 -14.23
CA LEU B 136 -8.30 -4.37 -13.96
C LEU B 136 -8.01 -4.43 -12.47
N SER B 137 -8.31 -5.59 -11.86
CA SER B 137 -7.98 -5.89 -10.46
C SER B 137 -8.44 -4.76 -9.53
N CYS B 138 -9.76 -4.60 -9.46
CA CYS B 138 -10.31 -3.48 -8.72
C CYS B 138 -11.69 -3.85 -8.18
N TRP B 139 -12.45 -2.84 -7.79
CA TRP B 139 -13.76 -3.00 -7.18
C TRP B 139 -14.64 -1.85 -7.66
N LEU B 140 -15.82 -1.71 -7.06
CA LEU B 140 -16.71 -0.60 -7.36
C LEU B 140 -16.84 0.30 -6.15
N PRO B 141 -16.32 1.53 -6.20
CA PRO B 141 -16.51 2.46 -5.08
C PRO B 141 -17.97 2.81 -4.92
N LEU B 142 -18.39 2.78 -3.67
CA LEU B 142 -19.72 3.08 -3.30
C LEU B 142 -20.63 2.11 -4.00
N HIS B 143 -20.29 0.84 -3.99
CA HIS B 143 -21.09 -0.15 -4.69
C HIS B 143 -22.44 -0.42 -4.10
N ARG B 144 -22.58 -0.16 -2.82
CA ARG B 144 -23.79 -0.40 -2.11
C ARG B 144 -24.94 0.27 -2.77
N ALA B 145 -24.76 1.58 -3.01
CA ALA B 145 -25.70 2.54 -3.59
C ALA B 145 -26.82 2.71 -2.61
N ASN B 151 -27.34 3.87 -12.44
CA ASN B 151 -27.19 5.29 -12.69
C ASN B 151 -26.69 5.52 -14.11
N GLY B 152 -26.09 6.67 -14.38
CA GLY B 152 -25.48 6.95 -15.66
C GLY B 152 -26.44 7.43 -16.74
N SER B 153 -27.66 6.86 -16.76
CA SER B 153 -28.73 7.14 -17.71
C SER B 153 -28.30 6.86 -19.15
N ALA B 154 -27.17 6.20 -19.32
CA ALA B 154 -26.64 5.81 -20.62
C ALA B 154 -25.77 4.58 -20.40
N LYS B 155 -26.37 3.55 -19.82
CA LYS B 155 -25.63 2.36 -19.41
C LYS B 155 -25.82 1.23 -20.41
N ASP B 156 -25.37 1.51 -21.64
CA ASP B 156 -25.20 0.52 -22.69
C ASP B 156 -23.71 0.40 -22.92
N LEU B 157 -23.02 -0.18 -21.94
CA LEU B 157 -21.57 -0.14 -21.84
C LEU B 157 -20.99 -1.53 -21.98
N ALA B 158 -19.92 -1.65 -22.76
CA ALA B 158 -19.10 -2.86 -22.82
C ALA B 158 -18.05 -2.77 -21.72
N ILE B 159 -18.05 -3.73 -20.81
CA ILE B 159 -17.13 -3.74 -19.69
C ILE B 159 -16.23 -4.97 -19.82
N LEU B 160 -14.93 -4.76 -19.60
CA LEU B 160 -13.95 -5.85 -19.54
C LEU B 160 -13.27 -5.76 -18.18
N GLN B 161 -13.71 -6.58 -17.24
CA GLN B 161 -13.16 -6.60 -15.89
C GLN B 161 -12.29 -7.83 -15.72
N CYS B 162 -11.01 -7.62 -15.51
CA CYS B 162 -10.04 -8.70 -15.34
C CYS B 162 -9.50 -8.70 -13.91
N HIS B 163 -9.26 -9.89 -13.37
CA HIS B 163 -8.81 -10.00 -11.99
C HIS B 163 -7.93 -11.23 -11.81
N GLY B 164 -6.88 -11.07 -11.01
CA GLY B 164 -6.05 -12.21 -10.64
C GLY B 164 -6.67 -12.98 -9.49
N GLU B 165 -6.66 -14.30 -9.61
CA GLU B 165 -7.34 -15.15 -8.64
C GLU B 165 -6.64 -15.22 -7.30
N LEU B 166 -5.35 -14.88 -7.26
CA LEU B 166 -4.58 -14.92 -6.02
C LEU B 166 -4.14 -13.53 -5.59
N ASP B 167 -4.91 -12.51 -5.98
CA ASP B 167 -4.69 -11.11 -5.63
C ASP B 167 -4.63 -10.95 -4.12
N PRO B 168 -3.45 -10.76 -3.54
CA PRO B 168 -3.37 -10.58 -2.08
C PRO B 168 -3.74 -9.18 -1.62
N MET B 169 -4.03 -8.27 -2.55
CA MET B 169 -4.42 -6.91 -2.22
C MET B 169 -5.93 -6.74 -2.34
N VAL B 170 -6.42 -6.50 -3.55
CA VAL B 170 -7.85 -6.39 -3.81
C VAL B 170 -8.44 -7.79 -3.81
N PRO B 171 -9.34 -8.12 -2.88
CA PRO B 171 -9.85 -9.49 -2.77
C PRO B 171 -10.60 -9.90 -4.03
N VAL B 172 -10.48 -11.20 -4.35
CA VAL B 172 -11.14 -11.73 -5.54
C VAL B 172 -12.65 -11.71 -5.37
N ARG B 173 -13.13 -11.96 -4.15
CA ARG B 173 -14.57 -11.88 -3.89
C ARG B 173 -15.08 -10.48 -4.18
N PHE B 174 -14.28 -9.46 -3.87
CA PHE B 174 -14.67 -8.09 -4.19
C PHE B 174 -14.81 -7.90 -5.70
N GLY B 175 -13.87 -8.46 -6.47
CA GLY B 175 -13.96 -8.36 -7.92
C GLY B 175 -15.18 -9.06 -8.49
N ALA B 176 -15.49 -10.26 -7.96
CA ALA B 176 -16.64 -11.00 -8.46
C ALA B 176 -17.94 -10.33 -8.06
N LEU B 177 -18.00 -9.79 -6.84
CA LEU B 177 -19.17 -9.03 -6.41
C LEU B 177 -19.36 -7.81 -7.29
N THR B 178 -18.27 -7.12 -7.63
CA THR B 178 -18.36 -5.98 -8.55
C THR B 178 -18.83 -6.44 -9.93
N ALA B 179 -18.37 -7.61 -10.37
CA ALA B 179 -18.79 -8.12 -11.67
C ALA B 179 -20.30 -8.37 -11.72
N GLU B 180 -20.81 -9.07 -10.71
CA GLU B 180 -22.25 -9.34 -10.69
C GLU B 180 -23.06 -8.10 -10.36
N LYS B 181 -22.45 -7.08 -9.75
CA LYS B 181 -23.13 -5.80 -9.55
C LYS B 181 -23.21 -5.03 -10.86
N LEU B 182 -22.15 -5.12 -11.68
CA LEU B 182 -22.15 -4.47 -12.99
C LEU B 182 -23.11 -5.17 -13.94
N ARG B 183 -23.23 -6.49 -13.84
CA ARG B 183 -24.20 -7.21 -14.66
C ARG B 183 -25.64 -6.93 -14.26
N SER B 184 -25.87 -6.23 -13.15
CA SER B 184 -27.21 -5.79 -12.79
C SER B 184 -27.56 -4.43 -13.38
N VAL B 185 -26.55 -3.63 -13.72
CA VAL B 185 -26.79 -2.31 -14.27
C VAL B 185 -27.07 -2.39 -15.76
N VAL B 186 -26.23 -3.12 -16.49
CA VAL B 186 -26.22 -3.07 -17.94
C VAL B 186 -26.58 -4.43 -18.53
N THR B 187 -26.36 -4.57 -19.82
CA THR B 187 -26.56 -5.84 -20.52
C THR B 187 -25.56 -6.87 -20.00
N PRO B 188 -26.00 -7.99 -19.43
CA PRO B 188 -25.03 -8.98 -18.93
C PRO B 188 -24.21 -9.64 -20.03
N ALA B 189 -24.67 -9.59 -21.28
CA ALA B 189 -23.87 -10.08 -22.40
C ALA B 189 -22.77 -9.10 -22.81
N ARG B 190 -22.79 -7.88 -22.29
CA ARG B 190 -21.76 -6.88 -22.59
C ARG B 190 -20.71 -6.78 -21.49
N VAL B 191 -20.76 -7.64 -20.47
CA VAL B 191 -19.83 -7.62 -19.36
C VAL B 191 -18.99 -8.89 -19.43
N GLN B 192 -17.72 -8.75 -19.79
CA GLN B 192 -16.77 -9.86 -19.77
C GLN B 192 -15.97 -9.78 -18.48
N PHE B 193 -16.19 -10.74 -17.58
CA PHE B 193 -15.43 -10.83 -16.33
C PHE B 193 -14.47 -12.01 -16.45
N LYS B 194 -13.18 -11.71 -16.55
CA LYS B 194 -12.15 -12.71 -16.74
C LYS B 194 -11.24 -12.77 -15.53
N THR B 195 -11.08 -13.96 -14.96
CA THR B 195 -10.12 -14.22 -13.91
C THR B 195 -8.92 -14.96 -14.48
N TYR B 196 -7.78 -14.81 -13.82
CA TYR B 196 -6.52 -15.36 -14.33
C TYR B 196 -5.84 -16.23 -13.29
N PRO B 197 -5.59 -17.51 -13.61
CA PRO B 197 -4.96 -18.41 -12.64
C PRO B 197 -3.46 -18.17 -12.50
N GLY B 198 -2.97 -18.36 -11.28
CA GLY B 198 -1.58 -18.13 -10.97
C GLY B 198 -1.15 -16.69 -10.97
N VAL B 199 -2.08 -15.75 -11.12
CA VAL B 199 -1.77 -14.33 -11.18
C VAL B 199 -2.31 -13.66 -9.92
N MET B 200 -1.55 -12.72 -9.38
CA MET B 200 -1.93 -12.01 -8.17
C MET B 200 -2.26 -10.55 -8.48
N HIS B 201 -1.80 -9.63 -7.63
CA HIS B 201 -2.04 -8.21 -7.86
C HIS B 201 -1.05 -7.71 -8.91
N SER B 202 -1.34 -8.05 -10.16
CA SER B 202 -0.49 -7.72 -11.30
C SER B 202 -1.29 -7.95 -12.57
N SER B 203 -0.64 -7.74 -13.71
CA SER B 203 -1.19 -8.04 -15.02
C SER B 203 -0.40 -9.19 -15.63
N CYS B 204 -0.86 -9.66 -16.79
CA CYS B 204 -0.25 -10.78 -17.47
C CYS B 204 -0.48 -10.62 -18.96
N PRO B 205 0.35 -11.25 -19.80
CA PRO B 205 0.16 -11.15 -21.25
C PRO B 205 -1.25 -11.52 -21.70
N GLN B 206 -1.89 -12.49 -21.06
CA GLN B 206 -3.25 -12.86 -21.43
C GLN B 206 -4.21 -11.71 -21.17
N GLU B 207 -4.07 -11.03 -20.03
CA GLU B 207 -4.95 -9.91 -19.72
C GLU B 207 -4.71 -8.75 -20.68
N MET B 208 -3.45 -8.46 -21.02
CA MET B 208 -3.16 -7.41 -21.99
C MET B 208 -3.74 -7.77 -23.36
N ALA B 209 -3.69 -9.05 -23.73
CA ALA B 209 -4.28 -9.48 -24.99
C ALA B 209 -5.78 -9.32 -24.98
N ALA B 210 -6.43 -9.62 -23.85
CA ALA B 210 -7.87 -9.39 -23.73
C ALA B 210 -8.19 -7.92 -23.86
N VAL B 211 -7.37 -7.06 -23.25
CA VAL B 211 -7.57 -5.61 -23.39
C VAL B 211 -7.43 -5.19 -24.84
N LYS B 212 -6.44 -5.75 -25.54
CA LYS B 212 -6.26 -5.41 -26.96
C LYS B 212 -7.46 -5.84 -27.78
N GLU B 213 -7.94 -7.07 -27.57
CA GLU B 213 -9.11 -7.53 -28.32
C GLU B 213 -10.32 -6.66 -28.02
N PHE B 214 -10.53 -6.32 -26.75
CA PHE B 214 -11.67 -5.49 -26.36
C PHE B 214 -11.61 -4.12 -27.04
N LEU B 215 -10.43 -3.48 -27.01
CA LEU B 215 -10.30 -2.15 -27.60
C LEU B 215 -10.39 -2.21 -29.12
N GLU B 216 -9.82 -3.26 -29.72
CA GLU B 216 -9.81 -3.38 -31.17
C GLU B 216 -11.21 -3.65 -31.72
N LYS B 217 -12.02 -4.38 -30.96
CA LYS B 217 -13.40 -4.60 -31.37
C LYS B 217 -14.28 -3.40 -31.06
N LEU B 218 -14.00 -2.71 -29.95
CA LEU B 218 -14.86 -1.61 -29.53
C LEU B 218 -14.50 -0.30 -30.22
N LEU B 219 -13.23 -0.13 -30.61
CA LEU B 219 -12.75 1.08 -31.27
C LEU B 219 -12.13 0.68 -32.61
N PRO B 220 -12.95 0.45 -33.63
CA PRO B 220 -12.42 0.07 -34.94
C PRO B 220 -11.90 1.28 -35.69
N PRO B 221 -11.01 1.09 -36.66
CA PRO B 221 -10.53 2.22 -37.47
C PRO B 221 -11.64 2.85 -38.28
N VAL B 222 -12.41 3.74 -37.65
CA VAL B 222 -13.54 4.39 -38.30
C VAL B 222 -13.18 5.81 -38.70
#